data_3VVI
#
_entry.id   3VVI
#
_cell.length_a   35.290
_cell.length_b   35.290
_cell.length_c   120.237
_cell.angle_alpha   90.00
_cell.angle_beta   90.00
_cell.angle_gamma   90.00
#
_symmetry.space_group_name_H-M   'P 43'
#
loop_
_entity.id
_entity.type
_entity.pdbx_description
1 polymer 'Non selective cation channel homologous to TRP channel'
2 non-polymer 'ACETATE ION'
3 water water
#
_entity_poly.entity_id   1
_entity_poly.type   'polypeptide(L)'
_entity_poly.pdbx_seq_one_letter_code
;VRKLRAEMEELKSMLSQLGKT
;
_entity_poly.pdbx_strand_id   A,B,C,D,E,F,G,H
#
loop_
_chem_comp.id
_chem_comp.type
_chem_comp.name
_chem_comp.formula
ACT non-polymer 'ACETATE ION' 'C2 H3 O2 -1'
#
# COMPACT_ATOMS: atom_id res chain seq x y z
N VAL A 1 -3.10 10.10 25.41
CA VAL A 1 -1.98 10.02 24.42
C VAL A 1 -1.17 8.78 24.70
N ARG A 2 -1.72 7.80 25.42
CA ARG A 2 -1.11 6.47 25.48
C ARG A 2 -1.27 5.76 24.15
N LYS A 3 -2.44 5.91 23.48
CA LYS A 3 -2.64 5.30 22.15
C LYS A 3 -1.71 5.95 21.15
N LEU A 4 -1.61 7.27 21.21
CA LEU A 4 -0.70 8.05 20.33
C LEU A 4 0.69 7.48 20.46
N ARG A 5 1.15 7.25 21.67
CA ARG A 5 2.49 6.81 21.87
CA ARG A 5 2.53 6.78 21.91
C ARG A 5 2.68 5.38 21.37
N ALA A 6 1.68 4.51 21.53
CA ALA A 6 1.77 3.14 21.07
C ALA A 6 1.83 3.15 19.53
N GLU A 7 1.07 4.05 18.88
CA GLU A 7 1.16 4.13 17.41
C GLU A 7 2.55 4.60 17.00
N MET A 8 3.12 5.57 17.66
CA MET A 8 4.49 6.03 17.37
C MET A 8 5.50 4.96 17.57
N GLU A 9 5.36 4.13 18.60
CA GLU A 9 6.29 3.04 18.84
C GLU A 9 6.21 2.05 17.69
N GLU A 10 5.01 1.74 17.22
CA GLU A 10 4.88 0.87 16.04
C GLU A 10 5.55 1.51 14.82
N LEU A 11 5.32 2.80 14.59
CA LEU A 11 5.94 3.50 13.44
C LEU A 11 7.45 3.39 13.56
N LYS A 12 8.05 3.62 14.73
CA LYS A 12 9.50 3.50 14.84
C LYS A 12 10.00 2.13 14.39
N SER A 13 9.32 1.09 14.81
CA SER A 13 9.69 -0.28 14.43
CA SER A 13 9.73 -0.26 14.43
CA SER A 13 9.72 -0.26 14.43
C SER A 13 9.65 -0.43 12.92
N MET A 14 8.60 0.10 12.28
CA MET A 14 8.49 -0.03 10.85
C MET A 14 9.55 0.74 10.16
N LEU A 15 9.83 1.96 10.59
CA LEU A 15 10.91 2.74 10.01
C LEU A 15 12.24 2.09 10.12
N SER A 16 12.57 1.53 11.25
CA SER A 16 13.86 0.87 11.41
CA SER A 16 13.84 0.86 11.44
C SER A 16 13.92 -0.40 10.59
N GLN A 17 12.80 -1.09 10.43
CA GLN A 17 12.78 -2.29 9.59
C GLN A 17 13.13 -1.94 8.15
N LEU A 18 12.57 -0.87 7.57
CA LEU A 18 12.87 -0.52 6.19
C LEU A 18 14.28 -0.02 6.16
N GLY A 19 14.74 0.71 7.14
CA GLY A 19 16.11 1.19 7.24
C GLY A 19 17.17 0.11 7.41
N LYS A 20 16.78 -1.17 7.57
CA LYS A 20 17.80 -2.23 7.62
CA LYS A 20 17.77 -2.27 7.65
C LYS A 20 17.86 -3.06 6.35
N THR A 21 17.23 -2.53 5.31
CA THR A 21 17.25 -3.20 4.03
C THR A 21 18.26 -2.68 3.00
N VAL B 1 -4.77 16.01 18.19
CA VAL B 1 -3.72 15.00 17.84
C VAL B 1 -4.29 14.10 16.79
N ARG B 2 -5.54 14.29 16.44
CA ARG B 2 -6.23 13.53 15.43
C ARG B 2 -5.55 13.61 14.09
N LYS B 3 -5.10 14.81 13.70
CA LYS B 3 -4.47 14.96 12.38
CA LYS B 3 -4.47 14.98 12.38
C LYS B 3 -3.10 14.28 12.36
N LEU B 4 -2.36 14.37 13.46
CA LEU B 4 -1.06 13.65 13.58
C LEU B 4 -1.31 12.19 13.44
N ARG B 5 -2.32 11.65 14.14
CA ARG B 5 -2.59 10.23 14.06
C ARG B 5 -2.97 9.82 12.64
N ALA B 6 -3.76 10.64 11.97
CA ALA B 6 -4.15 10.26 10.60
C ALA B 6 -2.95 10.27 9.66
N GLU B 7 -2.00 11.20 9.87
CA GLU B 7 -0.85 11.23 9.01
C GLU B 7 0.04 10.05 9.29
N MET B 8 0.21 9.70 10.55
CA MET B 8 0.96 8.49 10.94
CA MET B 8 0.99 8.55 10.89
C MET B 8 0.41 7.27 10.26
N GLU B 9 -0.92 7.12 10.25
CA GLU B 9 -1.54 5.97 9.55
CA GLU B 9 -1.57 5.99 9.55
C GLU B 9 -1.21 5.96 8.06
N GLU B 10 -1.26 7.15 7.43
CA GLU B 10 -0.93 7.21 6.00
CA GLU B 10 -0.91 7.27 6.00
C GLU B 10 0.53 6.86 5.76
N LEU B 11 1.44 7.30 6.62
CA LEU B 11 2.83 6.94 6.53
C LEU B 11 3.04 5.48 6.72
N LYS B 12 2.40 4.85 7.70
CA LYS B 12 2.51 3.43 7.92
C LYS B 12 2.04 2.68 6.66
N SER B 13 0.96 3.16 6.04
CA SER B 13 0.50 2.51 4.80
C SER B 13 1.56 2.52 3.73
N MET B 14 2.24 3.63 3.52
CA MET B 14 3.27 3.66 2.53
C MET B 14 4.40 2.77 2.93
N LEU B 15 4.81 2.72 4.18
CA LEU B 15 5.86 1.81 4.62
C LEU B 15 5.47 0.36 4.35
N SER B 16 4.22 0.01 4.59
CA SER B 16 3.77 -1.35 4.36
C SER B 16 3.81 -1.68 2.89
N GLN B 17 3.46 -0.70 2.04
CA GLN B 17 3.41 -0.94 0.59
C GLN B 17 4.79 -1.28 0.12
N LEU B 18 5.80 -0.54 0.60
CA LEU B 18 7.16 -0.77 0.16
C LEU B 18 7.68 -2.08 0.64
N GLY B 19 7.28 -2.55 1.83
CA GLY B 19 7.65 -3.86 2.30
C GLY B 19 7.10 -5.02 1.46
N LYS B 20 6.11 -4.74 0.62
CA LYS B 20 5.49 -5.74 -0.25
C LYS B 20 6.21 -5.70 -1.58
N THR B 21 7.25 -4.88 -1.67
CA THR B 21 7.99 -4.84 -2.97
C THR B 21 9.22 -5.69 -3.09
N VAL C 1 3.21 19.49 17.66
CA VAL C 1 3.17 18.26 16.83
C VAL C 1 2.88 18.60 15.35
N ARG C 2 2.82 19.89 15.03
CA ARG C 2 2.64 20.37 13.68
C ARG C 2 3.85 20.03 12.85
N LYS C 3 5.03 20.20 13.44
CA LYS C 3 6.24 20.02 12.66
CA LYS C 3 6.29 19.99 12.69
C LYS C 3 6.49 18.51 12.50
N LEU C 4 6.29 17.72 13.54
CA LEU C 4 6.41 16.27 13.40
C LEU C 4 5.42 15.78 12.33
N ARG C 5 4.20 16.27 12.28
CA ARG C 5 3.21 15.84 11.28
C ARG C 5 3.72 16.20 9.88
N ALA C 6 4.23 17.41 9.72
CA ALA C 6 4.75 17.82 8.40
C ALA C 6 5.87 16.89 7.97
N GLU C 7 6.74 16.48 8.90
CA GLU C 7 7.89 15.64 8.56
C GLU C 7 7.37 14.29 8.15
N MET C 8 6.36 13.77 8.83
CA MET C 8 5.72 12.52 8.42
C MET C 8 5.17 12.62 7.04
N GLU C 9 4.49 13.72 6.72
CA GLU C 9 3.90 13.92 5.40
C GLU C 9 4.99 13.92 4.33
N GLU C 10 6.11 14.61 4.59
CA GLU C 10 7.20 14.68 3.62
CA GLU C 10 7.18 14.67 3.58
C GLU C 10 7.73 13.28 3.39
N LEU C 11 7.99 12.53 4.45
CA LEU C 11 8.50 11.16 4.32
C LEU C 11 7.53 10.29 3.59
N LYS C 12 6.25 10.45 3.80
CA LYS C 12 5.21 9.71 3.14
C LYS C 12 5.21 9.99 1.66
N SER C 13 5.39 11.26 1.31
CA SER C 13 5.46 11.64 -0.09
CA SER C 13 5.47 11.66 -0.09
C SER C 13 6.71 11.06 -0.76
N MET C 14 7.85 11.04 -0.10
CA MET C 14 9.06 10.39 -0.66
C MET C 14 8.86 8.92 -0.86
N LEU C 15 8.28 8.21 0.07
CA LEU C 15 7.99 6.79 -0.09
C LEU C 15 7.02 6.49 -1.23
N SER C 16 6.03 7.36 -1.41
CA SER C 16 5.08 7.25 -2.46
C SER C 16 5.77 7.34 -3.82
N GLN C 17 6.63 8.35 -3.94
CA GLN C 17 7.36 8.60 -5.19
C GLN C 17 8.23 7.44 -5.46
N LEU C 18 8.90 6.87 -4.44
CA LEU C 18 9.69 5.62 -4.67
C LEU C 18 8.79 4.47 -5.12
N GLY C 19 7.59 4.35 -4.59
CA GLY C 19 6.69 3.28 -4.91
C GLY C 19 6.13 3.37 -6.31
N LYS C 20 6.31 4.50 -6.99
CA LYS C 20 5.92 4.62 -8.40
C LYS C 20 7.04 4.40 -9.40
N THR C 21 8.26 4.13 -8.91
CA THR C 21 9.36 3.81 -9.83
C THR C 21 9.34 2.33 -10.28
N VAL D 1 9.22 12.34 21.66
CA VAL D 1 9.09 12.25 20.19
C VAL D 1 10.43 12.43 19.53
N ARG D 2 11.49 12.77 20.25
CA ARG D 2 12.79 12.99 19.66
C ARG D 2 13.30 11.75 18.95
N LYS D 3 13.11 10.56 19.55
CA LYS D 3 13.68 9.36 18.99
CA LYS D 3 13.71 9.37 18.97
C LYS D 3 12.92 9.02 17.70
N LEU D 4 11.61 9.15 17.69
CA LEU D 4 10.87 8.97 16.47
C LEU D 4 11.32 9.95 15.40
N ARG D 5 11.50 11.20 15.77
CA ARG D 5 11.93 12.21 14.81
C ARG D 5 13.25 11.81 14.20
N ALA D 6 14.18 11.33 15.01
CA ALA D 6 15.50 10.95 14.50
C ALA D 6 15.37 9.77 13.57
N GLU D 7 14.54 8.76 13.87
CA GLU D 7 14.34 7.62 12.96
C GLU D 7 13.81 8.14 11.63
N MET D 8 12.86 9.06 11.58
CA MET D 8 12.37 9.60 10.33
CA MET D 8 12.37 9.61 10.34
C MET D 8 13.46 10.34 9.58
N GLU D 9 14.28 11.11 10.25
CA GLU D 9 15.32 11.92 9.60
C GLU D 9 16.28 10.98 8.93
N GLU D 10 16.61 9.85 9.57
CA GLU D 10 17.53 8.81 9.07
CA GLU D 10 17.55 8.89 9.03
C GLU D 10 16.95 8.24 7.81
N LEU D 11 15.73 7.77 7.83
CA LEU D 11 15.12 7.24 6.64
C LEU D 11 14.98 8.26 5.54
N LYS D 12 14.74 9.52 5.81
CA LYS D 12 14.52 10.50 4.76
C LYS D 12 15.84 10.75 4.01
N SER D 13 16.95 10.85 4.74
CA SER D 13 18.28 10.99 4.15
CA SER D 13 18.23 11.03 4.07
C SER D 13 18.60 9.78 3.26
N MET D 14 18.35 8.56 3.74
CA MET D 14 18.64 7.32 2.94
C MET D 14 17.78 7.27 1.72
N LEU D 15 16.55 7.71 1.75
CA LEU D 15 15.72 7.78 0.59
C LEU D 15 16.19 8.80 -0.42
N SER D 16 16.65 9.95 0.03
CA SER D 16 17.17 10.97 -0.85
CA SER D 16 17.19 10.98 -0.82
C SER D 16 18.37 10.42 -1.59
N GLN D 17 19.18 9.64 -0.88
CA GLN D 17 20.39 9.06 -1.50
CA GLN D 17 20.38 9.10 -1.51
C GLN D 17 20.00 8.00 -2.49
N LEU D 18 19.04 7.15 -2.14
CA LEU D 18 18.54 6.13 -3.05
C LEU D 18 17.99 6.81 -4.31
N GLY D 19 17.38 7.97 -4.21
CA GLY D 19 16.85 8.68 -5.36
C GLY D 19 17.90 9.25 -6.28
N LYS D 20 19.16 9.29 -5.85
CA LYS D 20 20.29 9.68 -6.74
C LYS D 20 20.97 8.52 -7.46
N THR D 21 20.50 7.32 -7.15
CA THR D 21 21.03 6.07 -7.76
C THR D 21 20.63 5.94 -9.19
N VAL E 1 4.52 -18.21 -20.40
CA VAL E 1 3.35 -17.71 -19.68
C VAL E 1 3.18 -18.42 -18.31
N ARG E 2 4.21 -19.14 -17.86
CA ARG E 2 4.21 -19.87 -16.61
CA ARG E 2 4.21 -19.85 -16.58
C ARG E 2 4.18 -18.96 -15.38
N LYS E 3 4.98 -17.89 -15.44
CA LYS E 3 5.02 -16.92 -14.37
C LYS E 3 3.70 -16.14 -14.31
N LEU E 4 3.20 -15.78 -15.49
CA LEU E 4 1.89 -15.13 -15.58
C LEU E 4 0.85 -16.01 -14.94
N ARG E 5 0.78 -17.29 -15.23
CA ARG E 5 -0.24 -18.17 -14.57
CA ARG E 5 -0.17 -18.13 -14.62
C ARG E 5 -0.02 -18.18 -13.08
N ALA E 6 1.23 -18.26 -12.59
CA ALA E 6 1.46 -18.32 -11.13
C ALA E 6 0.97 -17.03 -10.53
N GLU E 7 1.21 -15.90 -11.18
CA GLU E 7 0.80 -14.59 -10.64
C GLU E 7 -0.71 -14.57 -10.61
N MET E 8 -1.37 -15.13 -11.60
CA MET E 8 -2.81 -15.20 -11.61
C MET E 8 -3.35 -16.03 -10.49
N GLU E 9 -2.73 -17.14 -10.17
CA GLU E 9 -3.18 -18.01 -9.09
C GLU E 9 -3.03 -17.28 -7.77
N GLU E 10 -1.92 -16.56 -7.60
CA GLU E 10 -1.80 -15.79 -6.33
C GLU E 10 -2.89 -14.73 -6.29
N LEU E 11 -3.16 -14.04 -7.40
CA LEU E 11 -4.19 -13.03 -7.45
C LEU E 11 -5.54 -13.65 -7.08
N LYS E 12 -5.90 -14.84 -7.53
CA LYS E 12 -7.17 -15.48 -7.21
C LYS E 12 -7.24 -15.69 -5.71
N SER E 13 -6.16 -16.18 -5.12
CA SER E 13 -6.14 -16.42 -3.66
CA SER E 13 -6.13 -16.42 -3.68
C SER E 13 -6.38 -15.11 -2.92
N MET E 14 -5.78 -14.00 -3.37
CA MET E 14 -5.96 -12.69 -2.67
C MET E 14 -7.33 -12.13 -2.88
N LEU E 15 -7.94 -12.29 -4.04
CA LEU E 15 -9.30 -11.85 -4.24
C LEU E 15 -10.25 -12.64 -3.35
N SER E 16 -10.07 -13.95 -3.22
CA SER E 16 -10.97 -14.78 -2.45
C SER E 16 -10.79 -14.50 -0.98
N GLN E 17 -9.56 -14.25 -0.58
CA GLN E 17 -9.30 -13.90 0.84
C GLN E 17 -10.12 -12.66 1.22
N LEU E 18 -10.05 -11.60 0.41
CA LEU E 18 -10.78 -10.37 0.70
C LEU E 18 -12.27 -10.60 0.66
N GLY E 19 -12.74 -11.45 -0.22
CA GLY E 19 -14.17 -11.79 -0.31
C GLY E 19 -14.69 -12.61 0.85
N LYS E 20 -13.81 -13.11 1.75
CA LYS E 20 -14.25 -13.79 3.03
C LYS E 20 -14.51 -12.85 4.20
N THR E 21 -14.14 -11.58 4.05
CA THR E 21 -14.42 -10.61 5.02
C THR E 21 -15.80 -9.98 4.76
N VAL F 1 2.55 -9.66 -22.75
CA VAL F 1 1.71 -9.77 -21.53
C VAL F 1 2.28 -8.89 -20.46
N ARG F 2 3.26 -8.06 -20.77
CA ARG F 2 3.92 -7.22 -19.80
C ARG F 2 2.94 -6.27 -19.17
N LYS F 3 2.06 -5.69 -19.99
CA LYS F 3 1.11 -4.73 -19.43
C LYS F 3 0.13 -5.43 -18.54
N LEU F 4 -0.29 -6.63 -18.90
CA LEU F 4 -1.18 -7.43 -18.02
C LEU F 4 -0.50 -7.73 -16.73
N ARG F 5 0.74 -8.19 -16.77
CA ARG F 5 1.46 -8.52 -15.54
C ARG F 5 1.60 -7.26 -14.66
N ALA F 6 1.87 -6.12 -15.29
CA ALA F 6 2.04 -4.88 -14.51
C ALA F 6 0.76 -4.45 -13.82
N GLU F 7 -0.35 -4.46 -14.55
CA GLU F 7 -1.63 -4.14 -13.96
C GLU F 7 -1.98 -5.13 -12.87
N MET F 8 -1.69 -6.39 -13.05
N MET F 8 -1.70 -6.41 -13.04
CA MET F 8 -1.93 -7.37 -12.02
CA MET F 8 -1.89 -7.42 -11.98
C MET F 8 -1.14 -7.07 -10.73
C MET F 8 -1.14 -7.07 -10.72
N GLU F 9 0.10 -6.60 -10.87
CA GLU F 9 0.90 -6.18 -9.72
C GLU F 9 0.27 -4.97 -8.99
N GLU F 10 -0.22 -3.99 -9.76
CA GLU F 10 -0.89 -2.83 -9.23
CA GLU F 10 -0.86 -2.82 -9.16
C GLU F 10 -2.15 -3.24 -8.46
N LEU F 11 -2.94 -4.16 -9.02
CA LEU F 11 -4.14 -4.66 -8.36
C LEU F 11 -3.77 -5.38 -7.10
N LYS F 12 -2.72 -6.18 -7.10
CA LYS F 12 -2.28 -6.82 -5.90
C LYS F 12 -1.89 -5.82 -4.81
N SER F 13 -1.19 -4.76 -5.21
CA SER F 13 -0.73 -3.76 -4.24
C SER F 13 -1.93 -3.15 -3.54
N MET F 14 -2.99 -2.92 -4.29
CA MET F 14 -4.17 -2.33 -3.74
CA MET F 14 -4.20 -2.34 -3.76
C MET F 14 -4.92 -3.31 -2.85
N LEU F 15 -5.02 -4.58 -3.21
CA LEU F 15 -5.58 -5.60 -2.31
C LEU F 15 -4.79 -5.72 -0.99
N SER F 16 -3.48 -5.72 -1.06
CA SER F 16 -2.66 -5.75 0.14
CA SER F 16 -2.67 -5.78 0.14
C SER F 16 -2.87 -4.53 1.00
N GLN F 17 -2.98 -3.36 0.38
CA GLN F 17 -3.23 -2.13 1.16
C GLN F 17 -4.53 -2.26 1.93
N LEU F 18 -5.53 -2.83 1.28
CA LEU F 18 -6.82 -2.98 1.91
C LEU F 18 -6.86 -4.06 3.00
N GLY F 19 -6.00 -5.08 2.88
CA GLY F 19 -5.95 -6.10 3.89
C GLY F 19 -5.31 -5.64 5.21
N LYS F 20 -4.61 -4.50 5.21
CA LYS F 20 -4.00 -3.92 6.46
C LYS F 20 -4.82 -2.86 7.20
N THR F 21 -6.01 -2.56 6.67
CA THR F 21 -6.92 -1.63 7.29
C THR F 21 -7.82 -2.42 8.16
N VAL G 1 -6.04 -10.68 -23.95
CA VAL G 1 -6.04 -10.38 -22.47
C VAL G 1 -6.28 -8.90 -22.19
N ARG G 2 -6.46 -8.07 -23.23
CA ARG G 2 -6.75 -6.65 -23.08
C ARG G 2 -8.02 -6.43 -22.21
N LYS G 3 -9.08 -7.22 -22.41
CA LYS G 3 -10.29 -7.10 -21.58
C LYS G 3 -9.97 -7.47 -20.18
N LEU G 4 -9.18 -8.52 -19.98
CA LEU G 4 -8.82 -8.92 -18.64
C LEU G 4 -8.06 -7.79 -17.92
N ARG G 5 -7.10 -7.15 -18.59
CA ARG G 5 -6.29 -6.06 -18.06
CA ARG G 5 -6.31 -6.08 -18.01
C ARG G 5 -7.22 -4.89 -17.67
N ALA G 6 -8.15 -4.56 -18.53
CA ALA G 6 -9.07 -3.45 -18.23
C ALA G 6 -9.98 -3.74 -17.00
N GLU G 7 -10.36 -5.00 -16.85
CA GLU G 7 -11.15 -5.37 -15.68
CA GLU G 7 -11.12 -5.45 -15.71
C GLU G 7 -10.29 -5.32 -14.44
N MET G 8 -9.03 -5.67 -14.52
CA MET G 8 -8.14 -5.48 -13.36
C MET G 8 -7.99 -4.02 -12.98
N GLU G 9 -7.83 -3.17 -13.98
CA GLU G 9 -7.64 -1.75 -13.73
C GLU G 9 -8.92 -1.18 -13.13
N GLU G 10 -10.09 -1.60 -13.56
CA GLU G 10 -11.35 -1.07 -12.97
C GLU G 10 -11.47 -1.51 -11.51
N LEU G 11 -11.14 -2.78 -11.25
CA LEU G 11 -11.21 -3.30 -9.89
C LEU G 11 -10.22 -2.56 -9.02
N LYS G 12 -9.01 -2.33 -9.52
CA LYS G 12 -8.00 -1.61 -8.79
C LYS G 12 -8.50 -0.22 -8.41
N SER G 13 -9.17 0.45 -9.37
CA SER G 13 -9.66 1.80 -9.13
CA SER G 13 -9.69 1.79 -9.13
C SER G 13 -10.77 1.82 -8.06
N MET G 14 -11.65 0.83 -8.05
CA MET G 14 -12.67 0.74 -6.98
CA MET G 14 -12.67 0.68 -7.01
C MET G 14 -12.01 0.52 -5.65
N LEU G 15 -11.01 -0.31 -5.59
CA LEU G 15 -10.25 -0.48 -4.34
C LEU G 15 -9.54 0.77 -3.90
N SER G 16 -8.98 1.50 -4.85
CA SER G 16 -8.31 2.76 -4.55
CA SER G 16 -8.29 2.75 -4.53
C SER G 16 -9.33 3.75 -3.96
N GLN G 17 -10.54 3.80 -4.53
CA GLN G 17 -11.61 4.66 -3.98
C GLN G 17 -11.95 4.28 -2.57
N LEU G 18 -12.06 2.98 -2.28
CA LEU G 18 -12.40 2.53 -0.93
C LEU G 18 -11.24 2.77 0.06
N GLY G 19 -10.01 2.75 -0.40
CA GLY G 19 -8.84 2.99 0.40
C GLY G 19 -8.75 4.43 0.93
N LYS G 20 -9.39 5.36 0.21
CA LYS G 20 -9.40 6.78 0.52
C LYS G 20 -10.53 7.10 1.47
N THR G 21 -11.38 6.11 1.84
CA THR G 21 -12.47 6.43 2.71
C THR G 21 -12.03 6.32 4.17
N VAL H 1 -8.30 -18.49 -18.01
CA VAL H 1 -8.46 -17.19 -17.30
C VAL H 1 -9.91 -16.98 -16.84
N ARG H 2 -10.86 -17.82 -17.27
CA ARG H 2 -12.28 -17.67 -16.92
C ARG H 2 -12.50 -17.67 -15.39
N LYS H 3 -11.74 -18.47 -14.61
CA LYS H 3 -11.99 -18.57 -13.16
CA LYS H 3 -12.01 -18.54 -13.16
C LYS H 3 -11.50 -17.30 -12.43
N LEU H 4 -10.34 -16.78 -12.80
CA LEU H 4 -9.86 -15.50 -12.36
C LEU H 4 -10.88 -14.40 -12.70
N ARG H 5 -11.43 -14.39 -13.91
CA ARG H 5 -12.37 -13.34 -14.32
C ARG H 5 -13.57 -13.40 -13.38
N ALA H 6 -14.06 -14.59 -13.05
CA ALA H 6 -15.23 -14.72 -12.18
C ALA H 6 -14.87 -14.34 -10.77
N GLU H 7 -13.64 -14.54 -10.28
CA GLU H 7 -13.22 -14.13 -8.94
CA GLU H 7 -13.33 -14.12 -8.91
C GLU H 7 -13.29 -12.61 -8.92
N MET H 8 -12.83 -11.92 -9.96
CA MET H 8 -12.83 -10.47 -10.07
CA MET H 8 -12.85 -10.46 -10.05
C MET H 8 -14.28 -9.96 -10.15
N GLU H 9 -15.15 -10.63 -10.87
CA GLU H 9 -16.57 -10.32 -10.94
C GLU H 9 -17.24 -10.39 -9.58
N GLU H 10 -16.96 -11.44 -8.79
CA GLU H 10 -17.62 -11.59 -7.48
C GLU H 10 -17.11 -10.47 -6.57
N LEU H 11 -15.85 -10.11 -6.59
CA LEU H 11 -15.39 -9.06 -5.72
C LEU H 11 -15.95 -7.75 -6.16
N LYS H 12 -15.97 -7.45 -7.46
CA LYS H 12 -16.57 -6.26 -8.00
CA LYS H 12 -16.57 -6.25 -8.00
C LYS H 12 -17.98 -6.13 -7.40
N SER H 13 -18.81 -7.18 -7.46
CA SER H 13 -20.13 -7.24 -6.79
C SER H 13 -20.08 -6.75 -5.37
N MET H 14 -19.20 -7.34 -4.58
CA MET H 14 -19.15 -7.08 -3.15
C MET H 14 -18.75 -5.61 -2.96
N LEU H 15 -17.77 -5.11 -3.67
CA LEU H 15 -17.34 -3.69 -3.58
C LEU H 15 -18.36 -2.67 -4.06
N SER H 16 -19.09 -2.91 -5.12
CA SER H 16 -20.09 -2.04 -5.61
C SER H 16 -21.13 -1.82 -4.51
N GLN H 17 -21.60 -2.92 -3.96
CA GLN H 17 -22.63 -2.81 -2.94
C GLN H 17 -22.07 -2.15 -1.71
N LEU H 18 -20.82 -2.39 -1.36
CA LEU H 18 -20.22 -1.71 -0.20
C LEU H 18 -20.20 -0.20 -0.40
N GLY H 19 -20.01 0.26 -1.63
CA GLY H 19 -19.97 1.62 -1.97
C GLY H 19 -21.31 2.30 -1.79
N LYS H 20 -22.38 1.50 -1.73
CA LYS H 20 -23.73 1.96 -1.60
C LYS H 20 -24.16 2.04 -0.13
N THR H 21 -23.28 1.66 0.81
CA THR H 21 -23.63 1.56 2.26
C THR H 21 -23.52 2.90 3.00
C ACT I . 6.33 17.87 1.31
O ACT I . 5.20 17.68 1.89
OXT ACT I . 7.15 18.72 1.71
CH3 ACT I . 6.76 17.02 0.14
C ACT J . 2.84 -5.12 -4.87
O ACT J . 2.21 -5.76 -5.75
OXT ACT J . 2.54 -5.34 -3.65
CH3 ACT J . 3.92 -4.13 -5.17
C ACT K . -22.83 -8.90 -2.88
O ACT K . -22.57 -9.74 -3.83
OXT ACT K . -22.31 -9.04 -1.73
CH3 ACT K . -23.76 -7.75 -3.12
#